data_5TN7
#
_entry.id   5TN7
#
_cell.length_a   55.070
_cell.length_b   83.400
_cell.length_c   58.620
_cell.angle_alpha   90.000
_cell.angle_beta   110.700
_cell.angle_gamma   90.000
#
_symmetry.space_group_name_H-M   'P 1 21 1'
#
loop_
_entity.id
_entity.type
_entity.pdbx_description
1 polymer 'Estrogen receptor'
2 polymer 'Nuclear receptor coactivator 2'
3 non-polymer "3-fluoro-3'-[(E)-(hydroxyimino)methyl][1,1'-biphenyl]-4,4'-diol"
4 water water
#
loop_
_entity_poly.entity_id
_entity_poly.type
_entity_poly.pdbx_seq_one_letter_code
_entity_poly.pdbx_strand_id
1 'polypeptide(L)'
;IKRSKKNSLALSLTADQMVSALLDAEPPILYSEYDPTRPFSEASMMGLLTNLADRELVHMINWAKRVPGFVDLTLHDQVH
LLECAWLEILMIGLVWRSMEHPGKLLFAPNLLLDRNQGKCVEGMVEIFDMLLATSSRFRMMNLQGEEFVCLKSIILLNSG
VYTFLSSTLKSLEEKDHIHRVLDKITDTLIHLMAKAGLTLQQQHQRLAQLLLILSHIRHMSNKGMEHLYSMKCKNVVPLS
DLLLEMLDAHRLHAPTS
;
A,B
2 'polypeptide(L)' KHKILHRLLQDSS C,D
#
loop_
_chem_comp.id
_chem_comp.type
_chem_comp.name
_chem_comp.formula
7G2 non-polymer 3-fluoro-3'-[(E)-(hydroxyimino)methyl][1,1'-biphenyl]-4,4'-diol 'C13 H10 F N O3'
#
# COMPACT_ATOMS: atom_id res chain seq x y z
N SER A 8 5.42 24.50 14.86
CA SER A 8 4.68 24.59 13.61
C SER A 8 3.27 25.13 13.84
N LEU A 9 2.67 25.71 12.79
CA LEU A 9 1.33 26.23 12.87
C LEU A 9 0.26 25.18 12.60
N ALA A 10 0.61 24.08 11.92
CA ALA A 10 -0.37 23.05 11.59
C ALA A 10 -0.85 22.31 12.83
N LEU A 11 -0.02 22.24 13.87
CA LEU A 11 -0.42 21.52 15.08
C LEU A 11 -1.45 22.29 15.89
N SER A 12 -1.44 23.62 15.80
CA SER A 12 -2.40 24.45 16.51
C SER A 12 -3.76 24.48 15.84
N LEU A 13 -3.88 23.94 14.63
CA LEU A 13 -5.15 23.97 13.91
C LEU A 13 -6.20 23.10 14.60
N THR A 14 -7.44 23.55 14.57
CA THR A 14 -8.55 22.72 15.00
C THR A 14 -8.99 21.81 13.87
N ALA A 15 -9.88 20.87 14.19
CA ALA A 15 -10.34 19.90 13.19
C ALA A 15 -11.11 20.59 12.07
N ASP A 16 -12.05 21.48 12.42
CA ASP A 16 -12.79 22.21 11.41
C ASP A 16 -11.87 23.12 10.60
N GLN A 17 -10.89 23.76 11.27
CA GLN A 17 -9.94 24.59 10.55
C GLN A 17 -9.03 23.75 9.65
N MET A 18 -8.70 22.53 10.08
CA MET A 18 -7.96 21.63 9.21
C MET A 18 -8.77 21.29 7.96
N VAL A 19 -10.06 21.01 8.13
CA VAL A 19 -10.92 20.69 7.00
C VAL A 19 -10.98 21.87 6.03
N SER A 20 -11.15 23.08 6.56
CA SER A 20 -11.31 24.25 5.70
C SER A 20 -10.05 24.51 4.88
N ALA A 21 -8.88 24.37 5.49
CA ALA A 21 -7.63 24.60 4.75
C ALA A 21 -7.44 23.57 3.65
N LEU A 22 -7.86 22.32 3.89
CA LEU A 22 -7.71 21.28 2.87
C LEU A 22 -8.67 21.50 1.71
N LEU A 23 -9.94 21.80 2.01
CA LEU A 23 -10.91 22.09 0.96
C LEU A 23 -10.51 23.34 0.17
N ASP A 24 -9.95 24.33 0.85
CA ASP A 24 -9.57 25.57 0.19
C ASP A 24 -8.40 25.36 -0.77
N ALA A 25 -7.56 24.37 -0.51
CA ALA A 25 -6.38 24.10 -1.33
C ALA A 25 -6.65 23.15 -2.47
N GLU A 26 -7.90 22.72 -2.67
CA GLU A 26 -8.20 21.71 -3.67
C GLU A 26 -7.78 22.20 -5.06
N PRO A 27 -7.05 21.39 -5.83
CA PRO A 27 -6.69 21.81 -7.19
C PRO A 27 -7.91 21.75 -8.10
N PRO A 28 -7.93 22.54 -9.15
CA PRO A 28 -9.09 22.52 -10.06
C PRO A 28 -9.07 21.31 -10.97
N ILE A 29 -10.25 21.01 -11.52
CA ILE A 29 -10.39 19.95 -12.50
C ILE A 29 -10.00 20.49 -13.87
N LEU A 30 -8.95 19.93 -14.44
CA LEU A 30 -8.42 20.41 -15.72
C LEU A 30 -9.09 19.67 -16.87
N TYR A 31 -9.08 20.31 -18.03
CA TYR A 31 -9.60 19.74 -19.26
C TYR A 31 -8.47 19.14 -20.08
N SER A 32 -8.79 18.13 -20.88
CA SER A 32 -7.83 17.53 -21.78
C SER A 32 -7.78 18.30 -23.09
N GLU A 33 -6.71 18.08 -23.85
CA GLU A 33 -6.59 18.58 -25.21
C GLU A 33 -7.40 17.77 -26.21
N TYR A 34 -8.40 17.04 -25.74
CA TYR A 34 -9.06 16.04 -26.56
C TYR A 34 -9.88 16.67 -27.68
N ASP A 35 -9.97 15.95 -28.79
CA ASP A 35 -10.77 16.35 -29.95
C ASP A 35 -11.68 15.19 -30.33
N PRO A 36 -12.99 15.29 -30.09
CA PRO A 36 -13.87 14.13 -30.27
C PRO A 36 -14.10 13.72 -31.72
N THR A 37 -13.32 14.26 -32.65
CA THR A 37 -13.29 13.75 -34.02
C THR A 37 -12.03 12.92 -34.28
N ARG A 38 -11.27 12.61 -33.24
CA ARG A 38 -10.05 11.79 -33.33
C ARG A 38 -10.27 10.51 -32.54
N PRO A 39 -10.87 9.48 -33.13
CA PRO A 39 -10.89 8.17 -32.46
C PRO A 39 -9.47 7.73 -32.12
N PHE A 40 -9.34 7.04 -30.98
CA PHE A 40 -8.04 6.88 -30.35
C PHE A 40 -7.16 5.89 -31.10
N SER A 41 -5.90 6.27 -31.25
CA SER A 41 -4.83 5.31 -31.50
C SER A 41 -4.23 4.93 -30.14
N GLU A 42 -3.02 4.40 -30.12
CA GLU A 42 -2.36 4.19 -28.83
C GLU A 42 -1.58 5.43 -28.39
N ALA A 43 -0.80 6.01 -29.31
CA ALA A 43 0.00 7.18 -28.96
C ALA A 43 -0.88 8.39 -28.67
N SER A 44 -2.07 8.46 -29.27
CA SER A 44 -2.95 9.61 -29.02
C SER A 44 -3.49 9.58 -27.61
N MET A 45 -3.90 8.41 -27.13
CA MET A 45 -4.44 8.31 -25.78
C MET A 45 -3.34 8.46 -24.72
N MET A 46 -2.20 7.79 -24.93
CA MET A 46 -1.09 7.94 -23.99
C MET A 46 -0.57 9.37 -23.98
N GLY A 47 -0.52 10.02 -25.14
CA GLY A 47 -0.14 11.42 -25.17
C GLY A 47 -1.10 12.31 -24.42
N LEU A 48 -2.40 12.05 -24.57
CA LEU A 48 -3.40 12.81 -23.82
C LEU A 48 -3.27 12.57 -22.32
N LEU A 49 -3.06 11.32 -21.92
CA LEU A 49 -2.96 11.00 -20.50
C LEU A 49 -1.70 11.61 -19.89
N THR A 50 -0.59 11.58 -20.63
CA THR A 50 0.65 12.16 -20.12
C THR A 50 0.61 13.69 -20.13
N ASN A 51 -0.02 14.27 -21.17
CA ASN A 51 -0.18 15.73 -21.19
C ASN A 51 -1.07 16.19 -20.04
N LEU A 52 -2.14 15.45 -19.76
CA LEU A 52 -3.02 15.80 -18.64
C LEU A 52 -2.28 15.64 -17.31
N ALA A 53 -1.50 14.57 -17.15
CA ALA A 53 -0.78 14.36 -15.91
C ALA A 53 0.27 15.46 -15.69
N ASP A 54 0.90 15.92 -16.78
CA ASP A 54 1.91 16.95 -16.66
C ASP A 54 1.31 18.26 -16.13
N ARG A 55 0.16 18.66 -16.67
CA ARG A 55 -0.48 19.88 -16.21
C ARG A 55 -1.07 19.71 -14.81
N GLU A 56 -1.50 18.51 -14.45
CA GLU A 56 -1.99 18.27 -13.10
C GLU A 56 -0.88 18.34 -12.07
N LEU A 57 0.33 17.89 -12.43
CA LEU A 57 1.45 17.94 -11.49
C LEU A 57 1.75 19.36 -11.06
N VAL A 58 1.61 20.33 -11.98
CA VAL A 58 1.88 21.72 -11.66
C VAL A 58 0.94 22.20 -10.56
N HIS A 59 -0.35 21.87 -10.67
CA HIS A 59 -1.28 22.24 -9.62
C HIS A 59 -1.05 21.44 -8.35
N MET A 60 -0.57 20.21 -8.48
CA MET A 60 -0.34 19.38 -7.29
C MET A 60 0.77 19.96 -6.42
N ILE A 61 1.84 20.44 -7.05
CA ILE A 61 2.96 21.01 -6.30
C ILE A 61 2.50 22.21 -5.48
N ASN A 62 1.72 23.10 -6.10
CA ASN A 62 1.18 24.24 -5.35
C ASN A 62 0.10 23.83 -4.37
N TRP A 63 -0.57 22.70 -4.61
CA TRP A 63 -1.49 22.17 -3.60
C TRP A 63 -0.72 21.63 -2.40
N ALA A 64 0.40 20.95 -2.64
CA ALA A 64 1.17 20.36 -1.54
C ALA A 64 1.65 21.44 -0.57
N LYS A 65 2.11 22.58 -1.10
CA LYS A 65 2.58 23.65 -0.23
C LYS A 65 1.46 24.24 0.64
N ARG A 66 0.21 23.97 0.30
CA ARG A 66 -0.92 24.45 1.09
C ARG A 66 -1.47 23.39 2.04
N VAL A 67 -0.90 22.20 2.04
CA VAL A 67 -1.25 21.16 3.01
C VAL A 67 -0.60 21.55 4.34
N PRO A 68 -1.37 21.69 5.42
CA PRO A 68 -0.80 22.13 6.70
C PRO A 68 0.32 21.21 7.15
N GLY A 69 1.48 21.81 7.45
CA GLY A 69 2.65 21.10 7.88
C GLY A 69 3.64 20.78 6.78
N PHE A 70 3.24 20.86 5.52
CA PHE A 70 4.13 20.47 4.43
C PHE A 70 5.24 21.50 4.23
N VAL A 71 4.95 22.79 4.42
CA VAL A 71 5.97 23.80 4.26
C VAL A 71 6.98 23.75 5.40
N ASP A 72 6.58 23.23 6.56
CA ASP A 72 7.52 23.11 7.68
C ASP A 72 8.60 22.08 7.43
N LEU A 73 8.54 21.34 6.34
CA LEU A 73 9.56 20.38 5.96
C LEU A 73 10.65 21.07 5.14
N THR A 74 11.82 20.44 5.12
CA THR A 74 12.91 20.94 4.28
C THR A 74 12.57 20.75 2.81
N LEU A 75 13.35 21.38 1.94
CA LEU A 75 13.06 21.35 0.51
C LEU A 75 13.18 19.94 -0.04
N HIS A 76 14.27 19.24 0.28
CA HIS A 76 14.46 17.89 -0.24
C HIS A 76 13.42 16.93 0.32
N ASP A 77 13.00 17.12 1.58
CA ASP A 77 11.95 16.28 2.14
C ASP A 77 10.63 16.50 1.40
N GLN A 78 10.33 17.75 1.02
CA GLN A 78 9.17 17.99 0.17
C GLN A 78 9.32 17.32 -1.18
N VAL A 79 10.53 17.35 -1.74
CA VAL A 79 10.79 16.70 -3.02
C VAL A 79 10.60 15.19 -2.89
N HIS A 80 11.11 14.60 -1.81
CA HIS A 80 11.02 13.16 -1.64
C HIS A 80 9.57 12.69 -1.53
N LEU A 81 8.75 13.40 -0.74
CA LEU A 81 7.37 13.00 -0.56
C LEU A 81 6.59 13.09 -1.88
N LEU A 82 6.76 14.19 -2.62
CA LEU A 82 6.07 14.34 -3.89
C LEU A 82 6.56 13.33 -4.93
N GLU A 83 7.87 13.05 -4.94
CA GLU A 83 8.40 12.08 -5.88
C GLU A 83 7.80 10.70 -5.66
N CYS A 84 7.55 10.34 -4.41
CA CYS A 84 7.06 9.00 -4.09
C CYS A 84 5.55 8.87 -4.20
N ALA A 85 4.79 9.96 -4.03
CA ALA A 85 3.35 9.91 -3.93
C ALA A 85 2.59 10.55 -5.09
N TRP A 86 3.29 11.10 -6.09
CA TRP A 86 2.63 11.91 -7.10
C TRP A 86 1.60 11.09 -7.88
N LEU A 87 1.94 9.86 -8.25
CA LEU A 87 1.01 9.04 -9.01
C LEU A 87 -0.15 8.56 -8.14
N GLU A 88 0.13 8.26 -6.86
CA GLU A 88 -0.94 7.94 -5.92
C GLU A 88 -1.94 9.09 -5.83
N ILE A 89 -1.43 10.32 -5.75
CA ILE A 89 -2.30 11.49 -5.59
C ILE A 89 -3.12 11.72 -6.86
N LEU A 90 -2.51 11.55 -8.04
CA LEU A 90 -3.25 11.65 -9.28
C LEU A 90 -4.37 10.61 -9.34
N MET A 91 -4.08 9.38 -8.90
CA MET A 91 -5.04 8.29 -9.06
C MET A 91 -6.22 8.43 -8.10
N ILE A 92 -5.96 8.82 -6.84
CA ILE A 92 -7.06 8.98 -5.91
C ILE A 92 -7.92 10.18 -6.31
N GLY A 93 -7.33 11.17 -6.98
CA GLY A 93 -8.13 12.26 -7.52
C GLY A 93 -8.97 11.82 -8.70
N LEU A 94 -8.40 10.98 -9.57
CA LEU A 94 -9.16 10.42 -10.67
C LEU A 94 -10.31 9.57 -10.18
N VAL A 95 -10.05 8.72 -9.19
CA VAL A 95 -11.09 7.86 -8.63
C VAL A 95 -12.19 8.71 -8.00
N TRP A 96 -11.81 9.80 -7.32
CA TRP A 96 -12.80 10.67 -6.71
C TRP A 96 -13.67 11.37 -7.76
N ARG A 97 -13.05 11.81 -8.87
CA ARG A 97 -13.82 12.44 -9.94
C ARG A 97 -14.81 11.48 -10.56
N SER A 98 -14.44 10.20 -10.65
CA SER A 98 -15.25 9.20 -11.34
C SER A 98 -16.34 8.60 -10.47
N MET A 99 -16.52 9.10 -9.24
CA MET A 99 -17.46 8.48 -8.31
C MET A 99 -18.88 8.49 -8.87
N GLU A 100 -19.32 9.62 -9.40
CA GLU A 100 -20.68 9.73 -9.92
C GLU A 100 -20.81 9.21 -11.35
N HIS A 101 -19.81 8.50 -11.87
CA HIS A 101 -19.87 7.90 -13.19
C HIS A 101 -19.50 6.42 -13.07
N PRO A 102 -20.45 5.57 -12.67
CA PRO A 102 -20.15 4.14 -12.49
C PRO A 102 -19.67 3.51 -13.79
N GLY A 103 -18.60 2.73 -13.70
CA GLY A 103 -18.05 2.05 -14.86
C GLY A 103 -17.24 2.93 -15.79
N LYS A 104 -16.99 4.18 -15.43
CA LYS A 104 -16.23 5.10 -16.27
C LYS A 104 -15.19 5.83 -15.42
N LEU A 105 -14.08 6.19 -16.05
CA LEU A 105 -13.00 6.93 -15.43
C LEU A 105 -13.00 8.36 -15.98
N LEU A 106 -13.27 9.32 -15.11
CA LEU A 106 -13.36 10.73 -15.51
C LEU A 106 -11.97 11.35 -15.38
N PHE A 107 -11.16 11.13 -16.43
CA PHE A 107 -9.86 11.79 -16.48
C PHE A 107 -10.01 13.30 -16.61
N ALA A 108 -10.88 13.74 -17.50
CA ALA A 108 -11.21 15.14 -17.69
C ALA A 108 -12.67 15.24 -18.05
N PRO A 109 -13.32 16.38 -17.80
CA PRO A 109 -14.74 16.50 -18.15
C PRO A 109 -15.03 16.17 -19.61
N ASN A 110 -14.10 16.46 -20.51
CA ASN A 110 -14.22 16.10 -21.91
C ASN A 110 -13.51 14.79 -22.24
N LEU A 111 -13.09 14.03 -21.22
CA LEU A 111 -12.32 12.78 -21.42
C LEU A 111 -12.86 11.76 -20.42
N LEU A 112 -13.96 11.12 -20.78
CA LEU A 112 -14.62 10.11 -19.95
C LEU A 112 -14.46 8.76 -20.62
N LEU A 113 -13.61 7.91 -20.06
CA LEU A 113 -13.27 6.62 -20.64
C LEU A 113 -13.86 5.49 -19.80
N ASP A 114 -14.23 4.40 -20.46
CA ASP A 114 -14.69 3.20 -19.79
C ASP A 114 -13.66 2.08 -19.97
N ARG A 115 -14.04 0.87 -19.59
CA ARG A 115 -13.09 -0.24 -19.59
C ARG A 115 -12.63 -0.60 -21.00
N ASN A 116 -13.50 -0.42 -22.00
CA ASN A 116 -13.16 -0.80 -23.37
C ASN A 116 -12.10 0.10 -23.97
N GLN A 117 -12.11 1.40 -23.62
CA GLN A 117 -11.14 2.33 -24.20
C GLN A 117 -9.72 1.99 -23.77
N GLY A 118 -9.56 1.39 -22.59
CA GLY A 118 -8.22 1.11 -22.07
C GLY A 118 -7.43 0.13 -22.92
N LYS A 119 -8.13 -0.72 -23.68
CA LYS A 119 -7.43 -1.69 -24.52
C LYS A 119 -6.64 -1.02 -25.64
N CYS A 120 -6.90 0.26 -25.92
CA CYS A 120 -6.11 0.98 -26.91
C CYS A 120 -4.64 1.10 -26.52
N VAL A 121 -4.30 0.83 -25.26
CA VAL A 121 -2.93 0.83 -24.78
C VAL A 121 -2.61 -0.53 -24.18
N GLU A 122 -1.43 -1.06 -24.48
CA GLU A 122 -1.04 -2.37 -23.97
C GLU A 122 -0.92 -2.34 -22.45
N GLY A 123 -1.70 -3.18 -21.79
CA GLY A 123 -1.65 -3.29 -20.34
C GLY A 123 -2.37 -2.19 -19.59
N MET A 124 -3.11 -1.32 -20.26
CA MET A 124 -3.81 -0.24 -19.59
C MET A 124 -5.11 -0.72 -18.95
N VAL A 125 -5.77 -1.72 -19.54
CA VAL A 125 -7.06 -2.18 -19.04
C VAL A 125 -6.92 -2.77 -17.64
N GLU A 126 -5.76 -3.38 -17.34
CA GLU A 126 -5.56 -3.92 -16.00
C GLU A 126 -5.55 -2.82 -14.96
N ILE A 127 -4.94 -1.67 -15.29
CA ILE A 127 -4.95 -0.53 -14.37
C ILE A 127 -6.33 0.09 -14.32
N PHE A 128 -7.04 0.12 -15.46
CA PHE A 128 -8.38 0.68 -15.51
C PHE A 128 -9.32 -0.04 -14.55
N ASP A 129 -9.31 -1.38 -14.59
CA ASP A 129 -10.22 -2.15 -13.75
C ASP A 129 -9.92 -1.94 -12.26
N MET A 130 -8.65 -1.82 -11.90
CA MET A 130 -8.30 -1.52 -10.52
C MET A 130 -8.80 -0.13 -10.13
N LEU A 131 -8.66 0.84 -11.04
CA LEU A 131 -9.15 2.19 -10.76
C LEU A 131 -10.67 2.19 -10.64
N LEU A 132 -11.36 1.47 -11.53
CA LEU A 132 -12.81 1.36 -11.45
C LEU A 132 -13.26 0.65 -10.17
N ALA A 133 -12.48 -0.33 -9.70
CA ALA A 133 -12.84 -1.01 -8.46
C ALA A 133 -12.72 -0.08 -7.27
N THR A 134 -11.72 0.79 -7.27
CA THR A 134 -11.58 1.77 -6.20
C THR A 134 -12.73 2.77 -6.21
N SER A 135 -13.19 3.15 -7.40
CA SER A 135 -14.32 4.08 -7.50
C SER A 135 -15.60 3.47 -6.97
N SER A 136 -15.86 2.21 -7.32
CA SER A 136 -17.01 1.51 -6.76
C SER A 136 -16.94 1.43 -5.24
N ARG A 137 -15.72 1.32 -4.70
CA ARG A 137 -15.56 1.23 -3.25
C ARG A 137 -15.87 2.57 -2.59
N PHE A 138 -15.34 3.66 -3.15
CA PHE A 138 -15.70 4.98 -2.65
C PHE A 138 -17.20 5.22 -2.75
N ARG A 139 -17.80 4.75 -3.85
CA ARG A 139 -19.25 4.91 -4.04
C ARG A 139 -20.03 4.05 -3.05
N MET A 140 -19.57 2.81 -2.84
CA MET A 140 -20.21 1.94 -1.85
C MET A 140 -20.11 2.51 -0.46
N MET A 141 -18.95 3.07 -0.10
CA MET A 141 -18.76 3.69 1.21
C MET A 141 -19.36 5.09 1.28
N ASN A 142 -19.78 5.66 0.16
CA ASN A 142 -20.27 7.04 0.09
C ASN A 142 -19.25 8.00 0.69
N LEU A 143 -18.03 7.92 0.17
CA LEU A 143 -16.93 8.76 0.64
C LEU A 143 -17.29 10.23 0.52
N GLN A 144 -17.02 10.99 1.57
CA GLN A 144 -17.30 12.42 1.59
C GLN A 144 -16.09 13.20 1.10
N GLY A 145 -16.34 14.37 0.54
CA GLY A 145 -15.26 15.22 0.08
C GLY A 145 -14.31 15.63 1.19
N GLU A 146 -14.84 15.85 2.40
CA GLU A 146 -13.97 16.16 3.53
C GLU A 146 -13.08 14.98 3.89
N GLU A 147 -13.58 13.76 3.75
CA GLU A 147 -12.75 12.58 3.95
C GLU A 147 -11.74 12.42 2.83
N PHE A 148 -12.14 12.76 1.60
CA PHE A 148 -11.25 12.60 0.45
C PHE A 148 -10.01 13.47 0.58
N VAL A 149 -10.19 14.74 0.95
CA VAL A 149 -9.03 15.63 1.06
C VAL A 149 -8.14 15.21 2.24
N CYS A 150 -8.70 14.54 3.24
CA CYS A 150 -7.87 14.01 4.32
C CYS A 150 -7.06 12.82 3.83
N LEU A 151 -7.67 11.91 3.07
CA LEU A 151 -6.94 10.77 2.54
C LEU A 151 -5.84 11.22 1.60
N LYS A 152 -6.10 12.23 0.77
CA LYS A 152 -5.10 12.69 -0.18
C LYS A 152 -3.91 13.34 0.54
N SER A 153 -4.18 14.06 1.63
CA SER A 153 -3.10 14.62 2.42
C SER A 153 -2.29 13.53 3.11
N ILE A 154 -2.96 12.46 3.56
CA ILE A 154 -2.25 11.36 4.21
C ILE A 154 -1.29 10.69 3.24
N ILE A 155 -1.72 10.49 1.99
CA ILE A 155 -0.86 9.89 0.98
C ILE A 155 0.43 10.70 0.82
N LEU A 156 0.30 12.02 0.78
CA LEU A 156 1.47 12.88 0.56
C LEU A 156 2.49 12.73 1.69
N LEU A 157 2.02 12.68 2.94
CA LEU A 157 2.91 12.64 4.09
C LEU A 157 3.37 11.24 4.46
N ASN A 158 2.63 10.21 4.06
CA ASN A 158 2.91 8.85 4.52
C ASN A 158 3.68 8.01 3.51
N SER A 159 3.45 8.20 2.21
CA SER A 159 3.99 7.28 1.21
C SER A 159 5.52 7.24 1.24
N GLY A 160 6.15 8.39 1.44
CA GLY A 160 7.60 8.47 1.47
C GLY A 160 8.24 8.69 2.81
N VAL A 161 7.50 8.58 3.91
CA VAL A 161 8.05 8.97 5.21
C VAL A 161 9.07 7.95 5.72
N TYR A 162 8.84 6.66 5.47
CA TYR A 162 9.78 5.64 5.89
C TYR A 162 10.92 5.43 4.91
N THR A 163 10.95 6.20 3.83
CA THR A 163 11.97 6.09 2.80
C THR A 163 12.95 7.27 2.84
N PHE A 164 13.07 7.93 3.98
CA PHE A 164 14.02 9.03 4.14
C PHE A 164 15.45 8.49 4.11
N GLU A 173 13.25 13.71 13.57
CA GLU A 173 12.70 15.02 13.89
C GLU A 173 11.75 15.48 12.79
N GLU A 174 12.21 15.37 11.54
CA GLU A 174 11.31 15.62 10.42
C GLU A 174 10.22 14.56 10.34
N LYS A 175 10.54 13.31 10.70
CA LYS A 175 9.54 12.26 10.75
C LYS A 175 8.62 12.43 11.95
N ASP A 176 9.16 12.87 13.08
CA ASP A 176 8.30 13.15 14.24
C ASP A 176 7.26 14.21 13.91
N HIS A 177 7.67 15.25 13.19
CA HIS A 177 6.72 16.27 12.75
C HIS A 177 5.68 15.68 11.80
N ILE A 178 6.13 14.85 10.85
CA ILE A 178 5.21 14.23 9.91
C ILE A 178 4.24 13.31 10.64
N HIS A 179 4.74 12.56 11.64
CA HIS A 179 3.86 11.68 12.39
C HIS A 179 2.88 12.47 13.26
N ARG A 180 3.27 13.64 13.75
CA ARG A 180 2.34 14.49 14.48
C ARG A 180 1.24 15.01 13.56
N VAL A 181 1.62 15.48 12.36
CA VAL A 181 0.63 15.98 11.42
C VAL A 181 -0.30 14.86 10.98
N LEU A 182 0.25 13.65 10.79
CA LEU A 182 -0.57 12.50 10.43
C LEU A 182 -1.59 12.19 11.52
N ASP A 183 -1.17 12.26 12.80
CA ASP A 183 -2.11 12.09 13.90
C ASP A 183 -3.18 13.17 13.89
N LYS A 184 -2.82 14.38 13.47
CA LYS A 184 -3.81 15.46 13.40
C LYS A 184 -4.85 15.20 12.33
N ILE A 185 -4.45 14.58 11.21
CA ILE A 185 -5.41 14.23 10.18
C ILE A 185 -6.32 13.09 10.64
N THR A 186 -5.76 12.14 11.42
CA THR A 186 -6.59 11.09 11.99
C THR A 186 -7.64 11.67 12.92
N ASP A 187 -7.22 12.59 13.80
CA ASP A 187 -8.18 13.27 14.67
C ASP A 187 -9.24 14.00 13.83
N THR A 188 -8.84 14.52 12.67
CA THR A 188 -9.78 15.22 11.81
C THR A 188 -10.76 14.26 11.16
N LEU A 189 -10.28 13.10 10.71
CA LEU A 189 -11.16 12.08 10.14
C LEU A 189 -12.19 11.62 11.17
N ILE A 190 -11.72 11.30 12.39
CA ILE A 190 -12.64 10.91 13.46
C ILE A 190 -13.61 12.03 13.76
N HIS A 191 -13.13 13.28 13.74
CA HIS A 191 -13.98 14.43 14.01
C HIS A 191 -15.13 14.53 13.01
N LEU A 192 -14.83 14.31 11.72
CA LEU A 192 -15.88 14.37 10.70
C LEU A 192 -16.89 13.25 10.89
N MET A 193 -16.43 12.03 11.16
CA MET A 193 -17.33 10.92 11.36
C MET A 193 -18.21 11.13 12.59
N ALA A 194 -17.68 11.78 13.63
CA ALA A 194 -18.51 12.07 14.79
C ALA A 194 -19.56 13.12 14.47
N LYS A 195 -19.24 14.07 13.60
CA LYS A 195 -20.23 15.07 13.20
C LYS A 195 -21.37 14.42 12.43
N ALA A 196 -21.07 13.47 11.56
CA ALA A 196 -22.08 12.82 10.74
C ALA A 196 -22.97 11.87 11.54
N GLY A 197 -22.78 11.76 12.85
CA GLY A 197 -23.62 10.92 13.68
C GLY A 197 -23.21 9.48 13.79
N LEU A 198 -21.99 9.14 13.38
CA LEU A 198 -21.52 7.76 13.48
C LEU A 198 -21.16 7.41 14.92
N THR A 199 -21.51 6.20 15.33
CA THR A 199 -21.16 5.73 16.66
C THR A 199 -19.65 5.46 16.75
N LEU A 200 -19.19 5.24 17.98
CA LEU A 200 -17.77 5.00 18.20
C LEU A 200 -17.28 3.76 17.45
N GLN A 201 -18.06 2.69 17.46
CA GLN A 201 -17.68 1.50 16.71
C GLN A 201 -17.66 1.77 15.22
N GLN A 202 -18.62 2.53 14.73
CA GLN A 202 -18.64 2.88 13.31
C GLN A 202 -17.49 3.81 12.94
N GLN A 203 -17.01 4.62 13.90
CA GLN A 203 -15.92 5.55 13.60
C GLN A 203 -14.62 4.81 13.30
N HIS A 204 -14.18 3.94 14.22
CA HIS A 204 -12.93 3.24 13.98
C HIS A 204 -13.05 2.18 12.89
N GLN A 205 -14.27 1.67 12.65
CA GLN A 205 -14.46 0.74 11.54
C GLN A 205 -14.35 1.48 10.21
N ARG A 206 -15.01 2.64 10.09
CA ARG A 206 -14.89 3.42 8.87
C ARG A 206 -13.49 3.99 8.69
N LEU A 207 -12.86 4.42 9.80
CA LEU A 207 -11.47 4.86 9.73
C LEU A 207 -10.59 3.75 9.16
N ALA A 208 -10.78 2.52 9.62
CA ALA A 208 -10.01 1.40 9.11
C ALA A 208 -10.30 1.14 7.64
N GLN A 209 -11.58 1.21 7.25
CA GLN A 209 -11.94 0.95 5.86
C GLN A 209 -11.30 1.96 4.92
N LEU A 210 -11.25 3.23 5.34
CA LEU A 210 -10.65 4.27 4.51
C LEU A 210 -9.15 4.05 4.35
N LEU A 211 -8.46 3.70 5.44
CA LEU A 211 -7.00 3.63 5.41
C LEU A 211 -6.51 2.40 4.66
N LEU A 212 -7.30 1.32 4.64
CA LEU A 212 -6.91 0.14 3.88
C LEU A 212 -6.99 0.37 2.38
N ILE A 213 -7.77 1.37 1.94
CA ILE A 213 -7.79 1.75 0.53
C ILE A 213 -6.42 2.20 0.09
N LEU A 214 -5.66 2.82 0.99
CA LEU A 214 -4.34 3.34 0.63
C LEU A 214 -3.38 2.23 0.22
N SER A 215 -3.55 1.03 0.77
CA SER A 215 -2.72 -0.09 0.33
C SER A 215 -2.98 -0.42 -1.14
N HIS A 216 -4.22 -0.28 -1.59
CA HIS A 216 -4.57 -0.58 -2.98
C HIS A 216 -4.14 0.56 -3.90
N ILE A 217 -4.39 1.81 -3.50
CA ILE A 217 -3.93 2.96 -4.28
C ILE A 217 -2.41 2.92 -4.43
N ARG A 218 -1.71 2.54 -3.36
CA ARG A 218 -0.27 2.33 -3.47
C ARG A 218 0.06 1.26 -4.50
N HIS A 219 -0.71 0.16 -4.49
CA HIS A 219 -0.47 -0.91 -5.45
C HIS A 219 -0.74 -0.47 -6.88
N MET A 220 -1.82 0.28 -7.10
CA MET A 220 -2.10 0.78 -8.44
C MET A 220 -1.00 1.73 -8.92
N SER A 221 -0.44 2.51 -8.00
CA SER A 221 0.62 3.45 -8.37
C SER A 221 1.87 2.71 -8.84
N ASN A 222 2.26 1.65 -8.12
CA ASN A 222 3.44 0.88 -8.53
C ASN A 222 3.20 0.20 -9.87
N LYS A 223 1.99 -0.33 -10.10
CA LYS A 223 1.68 -0.92 -11.39
C LYS A 223 1.63 0.13 -12.49
N GLY A 224 1.02 1.28 -12.20
CA GLY A 224 1.03 2.37 -13.17
C GLY A 224 2.41 2.98 -13.37
N MET A 225 3.28 2.88 -12.37
CA MET A 225 4.63 3.39 -12.51
C MET A 225 5.44 2.56 -13.50
N GLU A 226 5.32 1.23 -13.42
CA GLU A 226 6.02 0.37 -14.35
C GLU A 226 5.44 0.45 -15.75
N HIS A 227 4.13 0.69 -15.87
CA HIS A 227 3.53 0.84 -17.20
C HIS A 227 4.05 2.09 -17.89
N LEU A 228 4.22 3.17 -17.14
CA LEU A 228 4.78 4.39 -17.71
C LEU A 228 6.24 4.21 -18.11
N TYR A 229 7.00 3.48 -17.30
CA TYR A 229 8.41 3.27 -17.63
C TYR A 229 8.58 2.41 -18.86
N SER A 230 7.66 1.48 -19.11
CA SER A 230 7.73 0.66 -20.32
C SER A 230 7.37 1.49 -21.55
N MET A 231 6.27 2.25 -21.47
CA MET A 231 5.89 3.13 -22.56
C MET A 231 6.97 4.17 -22.85
N LYS A 232 7.73 4.55 -21.81
CA LYS A 232 8.88 5.43 -22.02
C LYS A 232 10.02 4.69 -22.73
N CYS A 233 10.37 3.50 -22.22
CA CYS A 233 11.45 2.73 -22.84
C CYS A 233 11.10 2.33 -24.26
N LYS A 234 9.90 1.79 -24.46
CA LYS A 234 9.45 1.44 -25.81
C LYS A 234 9.22 2.67 -26.68
N ASN A 235 9.21 3.87 -26.09
CA ASN A 235 9.18 5.13 -26.84
C ASN A 235 7.94 5.26 -27.71
N VAL A 236 6.78 4.89 -27.16
CA VAL A 236 5.53 5.11 -27.88
C VAL A 236 5.20 6.59 -27.93
N VAL A 237 5.38 7.29 -26.81
CA VAL A 237 5.06 8.70 -26.71
C VAL A 237 6.16 9.41 -25.93
N PRO A 238 6.66 10.55 -26.40
CA PRO A 238 7.64 11.31 -25.64
C PRO A 238 7.01 11.98 -24.42
N LEU A 239 7.83 12.22 -23.41
CA LEU A 239 7.37 12.69 -22.12
C LEU A 239 8.00 14.04 -21.78
N SER A 240 7.26 14.85 -21.02
CA SER A 240 7.80 16.12 -20.55
C SER A 240 8.95 15.87 -19.58
N ASP A 241 9.86 16.84 -19.51
CA ASP A 241 11.03 16.68 -18.65
C ASP A 241 10.64 16.50 -17.19
N LEU A 242 9.66 17.28 -16.72
CA LEU A 242 9.21 17.12 -15.34
C LEU A 242 8.63 15.73 -15.09
N LEU A 243 7.83 15.23 -16.04
CA LEU A 243 7.24 13.91 -15.88
C LEU A 243 8.30 12.82 -15.93
N LEU A 244 9.37 13.02 -16.70
CA LEU A 244 10.48 12.07 -16.70
C LEU A 244 11.26 12.12 -15.39
N GLU A 245 11.36 13.31 -14.78
CA GLU A 245 12.07 13.41 -13.51
C GLU A 245 11.31 12.71 -12.40
N MET A 246 9.99 12.88 -12.35
CA MET A 246 9.18 12.13 -11.40
C MET A 246 9.24 10.64 -11.67
N LEU A 247 9.38 10.25 -12.93
CA LEU A 247 9.40 8.83 -13.29
C LEU A 247 10.76 8.20 -13.01
N ASP A 248 11.84 8.92 -13.26
CA ASP A 248 13.17 8.41 -12.95
C ASP A 248 13.40 8.29 -11.45
N ALA A 249 12.65 9.04 -10.64
CA ALA A 249 12.82 8.97 -9.19
C ALA A 249 12.39 7.63 -8.61
N HIS A 250 11.64 6.84 -9.36
CA HIS A 250 11.17 5.53 -8.91
C HIS A 250 11.97 4.38 -9.51
N ARG A 251 13.09 4.67 -10.16
CA ARG A 251 13.93 3.61 -10.71
C ARG A 251 15.34 3.70 -10.15
N SER B 8 -21.51 -17.42 9.49
CA SER B 8 -20.27 -18.16 9.73
C SER B 8 -19.93 -18.22 11.21
N LEU B 9 -18.80 -18.84 11.55
CA LEU B 9 -18.35 -18.94 12.93
C LEU B 9 -17.42 -17.81 13.33
N ALA B 10 -16.77 -17.14 12.36
CA ALA B 10 -15.84 -16.07 12.68
C ALA B 10 -16.54 -14.85 13.25
N LEU B 11 -17.79 -14.60 12.83
CA LEU B 11 -18.52 -13.44 13.32
C LEU B 11 -18.90 -13.61 14.79
N SER B 12 -19.10 -14.85 15.23
CA SER B 12 -19.49 -15.12 16.62
C SER B 12 -18.34 -14.95 17.59
N LEU B 13 -17.10 -14.96 17.11
CA LEU B 13 -15.94 -14.88 17.99
C LEU B 13 -15.93 -13.58 18.78
N THR B 14 -15.59 -13.67 20.05
CA THR B 14 -15.37 -12.49 20.87
C THR B 14 -14.00 -11.89 20.55
N ALA B 15 -13.66 -10.80 21.23
CA ALA B 15 -12.39 -10.12 20.98
C ALA B 15 -11.22 -10.97 21.44
N ASP B 16 -11.23 -11.38 22.71
CA ASP B 16 -10.14 -12.19 23.24
C ASP B 16 -10.08 -13.56 22.59
N GLN B 17 -11.24 -14.14 22.25
CA GLN B 17 -11.25 -15.40 21.51
C GLN B 17 -10.66 -15.24 20.11
N MET B 18 -10.86 -14.07 19.50
CA MET B 18 -10.23 -13.79 18.22
C MET B 18 -8.71 -13.77 18.35
N VAL B 19 -8.20 -13.07 19.37
CA VAL B 19 -6.76 -12.99 19.58
C VAL B 19 -6.19 -14.37 19.88
N SER B 20 -6.87 -15.15 20.71
CA SER B 20 -6.39 -16.48 21.06
C SER B 20 -6.31 -17.37 19.84
N ALA B 21 -7.30 -17.28 18.94
CA ALA B 21 -7.28 -18.09 17.73
C ALA B 21 -6.11 -17.70 16.83
N LEU B 22 -5.90 -16.40 16.63
CA LEU B 22 -4.80 -15.95 15.78
C LEU B 22 -3.45 -16.31 16.38
N LEU B 23 -3.27 -16.08 17.68
CA LEU B 23 -2.03 -16.47 18.33
C LEU B 23 -1.82 -17.98 18.27
N ASP B 24 -2.91 -18.75 18.32
CA ASP B 24 -2.80 -20.20 18.28
C ASP B 24 -2.34 -20.71 16.92
N ALA B 25 -2.68 -19.98 15.85
CA ALA B 25 -2.38 -20.40 14.50
C ALA B 25 -1.04 -19.89 13.99
N GLU B 26 -0.24 -19.25 14.85
CA GLU B 26 1.02 -18.67 14.41
C GLU B 26 1.92 -19.74 13.83
N PRO B 27 2.51 -19.52 12.66
CA PRO B 27 3.40 -20.51 12.07
C PRO B 27 4.72 -20.57 12.81
N PRO B 28 5.47 -21.66 12.66
CA PRO B 28 6.75 -21.76 13.37
C PRO B 28 7.81 -20.88 12.73
N ILE B 29 8.87 -20.63 13.50
CA ILE B 29 10.06 -19.96 13.00
C ILE B 29 10.99 -21.03 12.44
N LEU B 30 11.24 -20.98 11.14
CA LEU B 30 12.03 -22.01 10.47
C LEU B 30 13.50 -21.64 10.48
N TYR B 31 14.35 -22.67 10.45
CA TYR B 31 15.79 -22.50 10.36
C TYR B 31 16.23 -22.62 8.90
N SER B 32 17.27 -21.86 8.56
CA SER B 32 17.82 -21.92 7.22
C SER B 32 18.71 -23.15 7.06
N GLU B 33 18.99 -23.48 5.80
CA GLU B 33 20.01 -24.47 5.47
C GLU B 33 21.41 -23.88 5.51
N TYR B 34 21.57 -22.76 6.20
CA TYR B 34 22.76 -21.93 6.10
C TYR B 34 23.93 -22.55 6.85
N ASP B 35 25.11 -22.46 6.25
CA ASP B 35 26.36 -22.86 6.88
C ASP B 35 27.24 -21.62 7.00
N PRO B 36 27.52 -21.12 8.21
CA PRO B 36 28.33 -19.91 8.34
C PRO B 36 29.82 -20.12 8.10
N THR B 37 30.24 -21.33 7.75
CA THR B 37 31.59 -21.50 7.22
C THR B 37 31.67 -20.95 5.80
N ARG B 38 30.62 -21.16 5.01
CA ARG B 38 30.66 -20.79 3.61
C ARG B 38 30.50 -19.27 3.46
N PRO B 39 31.26 -18.65 2.55
CA PRO B 39 30.92 -17.30 2.13
C PRO B 39 29.81 -17.34 1.10
N PHE B 40 29.15 -16.20 0.94
CA PHE B 40 27.96 -16.09 0.12
C PHE B 40 28.32 -15.69 -1.30
N SER B 41 28.00 -16.56 -2.26
CA SER B 41 27.87 -16.10 -3.63
C SER B 41 26.49 -15.47 -3.80
N GLU B 42 26.36 -14.63 -4.82
CA GLU B 42 25.06 -14.02 -5.07
C GLU B 42 23.99 -15.07 -5.33
N ALA B 43 24.36 -16.15 -6.03
CA ALA B 43 23.41 -17.24 -6.26
C ALA B 43 23.13 -18.01 -4.97
N SER B 44 24.10 -18.06 -4.05
CA SER B 44 23.90 -18.82 -2.82
C SER B 44 22.94 -18.11 -1.88
N MET B 45 23.18 -16.81 -1.62
CA MET B 45 22.29 -16.07 -0.74
C MET B 45 20.87 -16.02 -1.29
N MET B 46 20.74 -15.88 -2.62
CA MET B 46 19.41 -15.92 -3.23
C MET B 46 18.79 -17.30 -3.08
N GLY B 47 19.58 -18.37 -3.25
CA GLY B 47 19.06 -19.71 -3.04
C GLY B 47 18.63 -19.94 -1.61
N LEU B 48 19.37 -19.38 -0.65
CA LEU B 48 19.00 -19.49 0.76
C LEU B 48 17.69 -18.77 1.03
N LEU B 49 17.58 -17.51 0.61
CA LEU B 49 16.39 -16.72 0.89
C LEU B 49 15.15 -17.33 0.23
N THR B 50 15.29 -17.76 -1.03
CA THR B 50 14.14 -18.33 -1.73
C THR B 50 13.77 -19.71 -1.19
N ASN B 51 14.77 -20.50 -0.77
CA ASN B 51 14.48 -21.78 -0.14
C ASN B 51 13.72 -21.57 1.18
N LEU B 52 14.15 -20.58 1.97
CA LEU B 52 13.42 -20.26 3.20
C LEU B 52 12.01 -19.79 2.89
N ALA B 53 11.86 -18.91 1.89
CA ALA B 53 10.53 -18.42 1.55
C ALA B 53 9.63 -19.54 1.05
N ASP B 54 10.20 -20.54 0.37
CA ASP B 54 9.39 -21.66 -0.11
C ASP B 54 8.87 -22.51 1.05
N ARG B 55 9.71 -22.76 2.05
CA ARG B 55 9.27 -23.55 3.19
C ARG B 55 8.30 -22.76 4.07
N GLU B 56 8.45 -21.44 4.14
CA GLU B 56 7.50 -20.63 4.88
C GLU B 56 6.14 -20.59 4.20
N LEU B 57 6.10 -20.66 2.87
CA LEU B 57 4.84 -20.65 2.16
C LEU B 57 3.97 -21.84 2.51
N VAL B 58 4.60 -23.01 2.72
CA VAL B 58 3.85 -24.20 3.09
C VAL B 58 3.16 -24.00 4.43
N HIS B 59 3.87 -23.40 5.39
CA HIS B 59 3.26 -23.13 6.70
C HIS B 59 2.25 -21.99 6.62
N MET B 60 2.49 -21.00 5.75
CA MET B 60 1.55 -19.90 5.61
C MET B 60 0.20 -20.39 5.08
N ILE B 61 0.24 -21.31 4.10
CA ILE B 61 -0.99 -21.84 3.53
C ILE B 61 -1.82 -22.54 4.61
N ASN B 62 -1.15 -23.26 5.51
CA ASN B 62 -1.86 -23.87 6.63
C ASN B 62 -2.25 -22.85 7.69
N TRP B 63 -1.46 -21.79 7.85
CA TRP B 63 -1.85 -20.71 8.75
C TRP B 63 -3.08 -19.97 8.22
N ALA B 64 -3.15 -19.77 6.89
CA ALA B 64 -4.26 -19.04 6.31
C ALA B 64 -5.58 -19.75 6.57
N LYS B 65 -5.58 -21.08 6.52
CA LYS B 65 -6.81 -21.85 6.73
C LYS B 65 -7.36 -21.69 8.14
N ARG B 66 -6.53 -21.31 9.10
CA ARG B 66 -6.98 -21.12 10.48
C ARG B 66 -7.36 -19.68 10.78
N VAL B 67 -7.09 -18.75 9.88
CA VAL B 67 -7.52 -17.37 10.03
C VAL B 67 -9.04 -17.33 10.02
N PRO B 68 -9.69 -16.83 11.09
CA PRO B 68 -11.16 -16.87 11.17
C PRO B 68 -11.84 -16.21 9.97
N GLY B 69 -12.71 -16.98 9.31
CA GLY B 69 -13.43 -16.51 8.14
C GLY B 69 -12.80 -16.90 6.83
N PHE B 70 -11.54 -17.35 6.83
CA PHE B 70 -10.85 -17.62 5.57
C PHE B 70 -11.35 -18.92 4.93
N VAL B 71 -11.67 -19.92 5.74
CA VAL B 71 -12.17 -21.18 5.19
C VAL B 71 -13.57 -21.02 4.60
N ASP B 72 -14.36 -20.09 5.13
CA ASP B 72 -15.71 -19.85 4.61
C ASP B 72 -15.69 -19.38 3.16
N LEU B 73 -14.55 -18.93 2.66
CA LEU B 73 -14.40 -18.49 1.29
C LEU B 73 -14.30 -19.68 0.34
N THR B 74 -14.73 -19.46 -0.90
CA THR B 74 -14.57 -20.47 -1.92
C THR B 74 -13.08 -20.68 -2.23
N LEU B 75 -12.80 -21.78 -2.93
CA LEU B 75 -11.41 -22.20 -3.11
C LEU B 75 -10.60 -21.14 -3.88
N HIS B 76 -11.12 -20.69 -5.02
CA HIS B 76 -10.37 -19.75 -5.84
C HIS B 76 -10.24 -18.39 -5.16
N ASP B 77 -11.22 -18.00 -4.35
CA ASP B 77 -11.08 -16.77 -3.57
C ASP B 77 -9.95 -16.89 -2.56
N GLN B 78 -9.79 -18.07 -1.97
CA GLN B 78 -8.63 -18.31 -1.12
C GLN B 78 -7.34 -18.28 -1.94
N VAL B 79 -7.35 -18.89 -3.12
CA VAL B 79 -6.19 -18.85 -4.00
C VAL B 79 -5.84 -17.41 -4.37
N HIS B 80 -6.86 -16.60 -4.66
CA HIS B 80 -6.61 -15.23 -5.09
C HIS B 80 -6.02 -14.39 -3.97
N LEU B 81 -6.56 -14.50 -2.75
CA LEU B 81 -6.06 -13.71 -1.64
C LEU B 81 -4.62 -14.08 -1.30
N LEU B 82 -4.29 -15.36 -1.34
CA LEU B 82 -2.92 -15.78 -1.03
C LEU B 82 -1.95 -15.38 -2.13
N GLU B 83 -2.40 -15.42 -3.39
CA GLU B 83 -1.50 -15.08 -4.49
C GLU B 83 -1.09 -13.61 -4.47
N CYS B 84 -1.96 -12.73 -3.99
CA CYS B 84 -1.65 -11.31 -3.96
C CYS B 84 -0.93 -10.87 -2.69
N ALA B 85 -1.06 -11.62 -1.60
CA ALA B 85 -0.56 -11.19 -0.30
C ALA B 85 0.58 -12.02 0.24
N TRP B 86 1.04 -13.05 -0.48
CA TRP B 86 1.99 -14.00 0.10
C TRP B 86 3.29 -13.32 0.50
N LEU B 87 3.84 -12.46 -0.36
CA LEU B 87 5.10 -11.80 -0.04
C LEU B 87 4.90 -10.72 1.02
N GLU B 88 3.74 -10.05 1.02
CA GLU B 88 3.42 -9.13 2.11
C GLU B 88 3.43 -9.84 3.46
N ILE B 89 2.88 -11.05 3.51
CA ILE B 89 2.80 -11.78 4.77
C ILE B 89 4.19 -12.28 5.20
N LEU B 90 5.00 -12.71 4.24
CA LEU B 90 6.37 -13.10 4.55
C LEU B 90 7.17 -11.91 5.09
N MET B 91 6.97 -10.73 4.49
CA MET B 91 7.78 -9.58 4.85
C MET B 91 7.39 -9.03 6.22
N ILE B 92 6.09 -8.97 6.54
CA ILE B 92 5.70 -8.47 7.84
C ILE B 92 6.12 -9.44 8.94
N GLY B 93 6.17 -10.74 8.64
CA GLY B 93 6.69 -11.69 9.60
C GLY B 93 8.18 -11.52 9.81
N LEU B 94 8.94 -11.35 8.73
CA LEU B 94 10.37 -11.08 8.84
C LEU B 94 10.62 -9.80 9.64
N VAL B 95 9.86 -8.75 9.35
CA VAL B 95 9.98 -7.49 10.08
C VAL B 95 9.65 -7.70 11.56
N TRP B 96 8.66 -8.55 11.85
CA TRP B 96 8.29 -8.83 13.22
C TRP B 96 9.38 -9.60 13.96
N ARG B 97 9.96 -10.61 13.31
CA ARG B 97 11.04 -11.37 13.94
C ARG B 97 12.26 -10.50 14.22
N SER B 98 12.46 -9.44 13.44
CA SER B 98 13.66 -8.63 13.51
C SER B 98 13.52 -7.42 14.43
N MET B 99 12.44 -7.34 15.22
CA MET B 99 12.20 -6.14 16.01
C MET B 99 13.29 -5.91 17.05
N GLU B 100 13.76 -6.98 17.69
CA GLU B 100 14.76 -6.87 18.75
C GLU B 100 16.18 -6.96 18.23
N HIS B 101 16.39 -6.83 16.92
CA HIS B 101 17.71 -6.85 16.31
C HIS B 101 17.86 -5.62 15.43
N PRO B 102 18.15 -4.46 16.03
CA PRO B 102 18.23 -3.22 15.25
C PRO B 102 19.31 -3.29 14.18
N GLY B 103 18.98 -2.78 13.00
CA GLY B 103 19.91 -2.80 11.89
C GLY B 103 20.20 -4.17 11.33
N LYS B 104 19.38 -5.17 11.66
CA LYS B 104 19.58 -6.53 11.18
C LYS B 104 18.24 -7.15 10.83
N LEU B 105 18.26 -8.09 9.89
CA LEU B 105 17.08 -8.81 9.45
C LEU B 105 17.22 -10.28 9.84
N LEU B 106 16.31 -10.75 10.69
CA LEU B 106 16.36 -12.13 11.18
C LEU B 106 15.49 -13.00 10.26
N PHE B 107 16.08 -13.39 9.13
CA PHE B 107 15.40 -14.30 8.22
C PHE B 107 15.15 -15.64 8.91
N ALA B 108 16.16 -16.16 9.58
CA ALA B 108 16.08 -17.35 10.40
C ALA B 108 16.97 -17.13 11.62
N PRO B 109 16.71 -17.85 12.72
CA PRO B 109 17.57 -17.69 13.90
C PRO B 109 19.04 -17.88 13.62
N ASN B 110 19.38 -18.66 12.60
CA ASN B 110 20.76 -18.85 12.17
C ASN B 110 21.10 -18.04 10.91
N LEU B 111 20.20 -17.13 10.49
CA LEU B 111 20.43 -16.31 9.30
C LEU B 111 20.05 -14.87 9.65
N LEU B 112 21.01 -14.14 10.22
CA LEU B 112 20.83 -12.75 10.62
C LEU B 112 21.71 -11.89 9.73
N LEU B 113 21.08 -11.11 8.86
CA LEU B 113 21.78 -10.33 7.85
C LEU B 113 21.64 -8.84 8.11
N ASP B 114 22.63 -8.07 7.68
CA ASP B 114 22.61 -6.62 7.78
C ASP B 114 22.69 -6.00 6.38
N ARG B 115 22.76 -4.67 6.36
CA ARG B 115 22.74 -3.91 5.11
C ARG B 115 23.79 -4.42 4.12
N ASN B 116 25.06 -4.41 4.54
CA ASN B 116 26.17 -4.68 3.63
C ASN B 116 26.05 -6.05 2.98
N GLN B 117 25.52 -7.03 3.69
CA GLN B 117 25.35 -8.36 3.10
C GLN B 117 24.22 -8.40 2.09
N GLY B 118 23.30 -7.43 2.13
CA GLY B 118 22.31 -7.30 1.09
C GLY B 118 22.87 -6.86 -0.24
N LYS B 119 24.02 -6.18 -0.22
CA LYS B 119 24.70 -5.81 -1.45
C LYS B 119 25.25 -7.02 -2.20
N CYS B 120 25.19 -8.22 -1.60
CA CYS B 120 25.56 -9.43 -2.32
C CYS B 120 24.70 -9.65 -3.54
N VAL B 121 23.48 -9.10 -3.54
CA VAL B 121 22.52 -9.27 -4.63
C VAL B 121 22.20 -7.89 -5.20
N GLU B 122 22.08 -7.82 -6.53
CA GLU B 122 21.78 -6.56 -7.18
C GLU B 122 20.39 -6.07 -6.80
N GLY B 123 20.31 -4.82 -6.35
CA GLY B 123 19.05 -4.21 -5.96
C GLY B 123 18.44 -4.74 -4.69
N MET B 124 19.14 -5.63 -3.98
CA MET B 124 18.58 -6.19 -2.74
C MET B 124 18.72 -5.23 -1.56
N VAL B 125 19.80 -4.45 -1.52
CA VAL B 125 20.02 -3.54 -0.41
C VAL B 125 18.93 -2.47 -0.34
N GLU B 126 18.35 -2.12 -1.50
CA GLU B 126 17.22 -1.20 -1.49
C GLU B 126 16.01 -1.82 -0.78
N ILE B 127 15.79 -3.11 -0.98
CA ILE B 127 14.70 -3.80 -0.29
C ILE B 127 15.03 -3.96 1.20
N PHE B 128 16.30 -4.24 1.51
CA PHE B 128 16.72 -4.42 2.89
C PHE B 128 16.45 -3.16 3.71
N ASP B 129 16.79 -1.99 3.16
CA ASP B 129 16.63 -0.74 3.91
C ASP B 129 15.16 -0.46 4.22
N MET B 130 14.27 -0.78 3.28
CA MET B 130 12.84 -0.62 3.55
C MET B 130 12.37 -1.59 4.63
N LEU B 131 12.84 -2.85 4.57
CA LEU B 131 12.48 -3.80 5.61
C LEU B 131 13.05 -3.39 6.96
N LEU B 132 14.28 -2.89 6.99
CA LEU B 132 14.87 -2.40 8.24
C LEU B 132 14.10 -1.20 8.76
N ALA B 133 13.73 -0.27 7.88
CA ALA B 133 12.98 0.90 8.31
C ALA B 133 11.63 0.51 8.88
N THR B 134 10.99 -0.50 8.29
CA THR B 134 9.72 -0.98 8.83
C THR B 134 9.92 -1.60 10.21
N SER B 135 11.01 -2.34 10.40
CA SER B 135 11.29 -2.95 11.70
C SER B 135 11.56 -1.88 12.76
N SER B 136 12.27 -0.82 12.40
CA SER B 136 12.50 0.27 13.33
C SER B 136 11.20 0.95 13.72
N ARG B 137 10.24 1.02 12.80
CA ARG B 137 8.95 1.64 13.11
C ARG B 137 8.16 0.79 14.11
N PHE B 138 8.12 -0.53 13.90
CA PHE B 138 7.47 -1.40 14.87
C PHE B 138 8.12 -1.29 16.24
N ARG B 139 9.45 -1.27 16.28
CA ARG B 139 10.15 -1.12 17.55
C ARG B 139 9.89 0.24 18.18
N MET B 140 9.78 1.29 17.35
CA MET B 140 9.46 2.62 17.87
C MET B 140 8.06 2.65 18.45
N MET B 141 7.09 2.06 17.74
CA MET B 141 5.73 1.94 18.25
C MET B 141 5.59 0.85 19.31
N ASN B 142 6.61 0.02 19.48
CA ASN B 142 6.56 -1.17 20.35
C ASN B 142 5.32 -2.00 20.03
N LEU B 143 5.33 -2.54 18.82
CA LEU B 143 4.23 -3.39 18.36
C LEU B 143 4.07 -4.62 19.24
N GLN B 144 2.83 -4.94 19.57
CA GLN B 144 2.53 -6.12 20.37
C GLN B 144 2.22 -7.30 19.46
N GLY B 145 2.51 -8.51 19.97
CA GLY B 145 2.20 -9.72 19.21
C GLY B 145 0.73 -9.87 18.92
N GLU B 146 -0.13 -9.41 19.83
CA GLU B 146 -1.57 -9.44 19.57
C GLU B 146 -1.93 -8.49 18.43
N GLU B 147 -1.24 -7.36 18.33
CA GLU B 147 -1.47 -6.45 17.21
C GLU B 147 -0.87 -7.00 15.92
N PHE B 148 0.26 -7.71 16.03
CA PHE B 148 0.91 -8.25 14.83
C PHE B 148 0.02 -9.27 14.13
N VAL B 149 -0.55 -10.21 14.89
CA VAL B 149 -1.36 -11.26 14.29
C VAL B 149 -2.63 -10.67 13.67
N CYS B 150 -3.14 -9.57 14.21
CA CYS B 150 -4.29 -8.89 13.62
C CYS B 150 -3.90 -8.26 12.29
N LEU B 151 -2.78 -7.54 12.25
CA LEU B 151 -2.33 -6.90 11.02
C LEU B 151 -2.08 -7.94 9.92
N LYS B 152 -1.45 -9.06 10.27
CA LYS B 152 -1.14 -10.08 9.28
C LYS B 152 -2.42 -10.69 8.70
N SER B 153 -3.43 -10.89 9.55
CA SER B 153 -4.73 -11.36 9.04
C SER B 153 -5.41 -10.30 8.19
N ILE B 154 -5.21 -9.01 8.51
CA ILE B 154 -5.78 -7.95 7.69
C ILE B 154 -5.15 -7.98 6.30
N ILE B 155 -3.84 -8.20 6.22
CA ILE B 155 -3.17 -8.27 4.92
C ILE B 155 -3.77 -9.37 4.07
N LEU B 156 -3.97 -10.55 4.65
CA LEU B 156 -4.49 -11.70 3.90
C LEU B 156 -5.86 -11.40 3.31
N LEU B 157 -6.73 -10.76 4.09
CA LEU B 157 -8.11 -10.53 3.66
C LEU B 157 -8.27 -9.25 2.85
N ASN B 158 -7.37 -8.28 3.00
CA ASN B 158 -7.55 -6.98 2.37
C ASN B 158 -6.79 -6.83 1.06
N SER B 159 -5.58 -7.40 0.96
CA SER B 159 -4.69 -7.05 -0.15
C SER B 159 -5.28 -7.43 -1.51
N GLY B 160 -6.10 -8.48 -1.57
CA GLY B 160 -6.65 -8.92 -2.84
C GLY B 160 -8.15 -8.81 -2.98
N VAL B 161 -8.83 -8.12 -2.07
CA VAL B 161 -10.30 -8.14 -2.08
C VAL B 161 -10.84 -7.32 -3.25
N TYR B 162 -10.17 -6.23 -3.61
CA TYR B 162 -10.63 -5.39 -4.71
C TYR B 162 -10.16 -5.89 -6.07
N THR B 163 -9.28 -6.88 -6.10
CA THR B 163 -8.89 -7.55 -7.34
C THR B 163 -9.77 -8.75 -7.64
N PHE B 164 -10.84 -8.96 -6.87
CA PHE B 164 -11.79 -10.03 -7.12
C PHE B 164 -12.36 -9.96 -8.52
N GLU B 173 -21.22 -10.50 -2.03
CA GLU B 173 -21.53 -11.45 -0.96
C GLU B 173 -20.25 -12.02 -0.37
N GLU B 174 -19.35 -12.47 -1.25
CA GLU B 174 -18.02 -12.86 -0.81
C GLU B 174 -17.27 -11.67 -0.22
N LYS B 175 -17.43 -10.50 -0.83
CA LYS B 175 -16.81 -9.29 -0.30
C LYS B 175 -17.51 -8.81 0.96
N ASP B 176 -18.83 -8.99 1.05
CA ASP B 176 -19.54 -8.59 2.25
C ASP B 176 -19.09 -9.40 3.46
N HIS B 177 -18.83 -10.69 3.26
CA HIS B 177 -18.32 -11.52 4.34
C HIS B 177 -16.91 -11.09 4.74
N ILE B 178 -16.04 -10.84 3.77
CA ILE B 178 -14.67 -10.42 4.06
C ILE B 178 -14.67 -9.09 4.80
N HIS B 179 -15.47 -8.12 4.31
CA HIS B 179 -15.53 -6.82 4.97
C HIS B 179 -16.10 -6.93 6.38
N ARG B 180 -16.99 -7.89 6.61
CA ARG B 180 -17.49 -8.09 7.97
C ARG B 180 -16.41 -8.68 8.87
N VAL B 181 -15.59 -9.58 8.34
CA VAL B 181 -14.48 -10.12 9.12
C VAL B 181 -13.44 -9.03 9.37
N LEU B 182 -13.19 -8.18 8.37
CA LEU B 182 -12.24 -7.09 8.55
C LEU B 182 -12.70 -6.12 9.62
N ASP B 183 -14.00 -5.79 9.63
CA ASP B 183 -14.54 -4.92 10.68
C ASP B 183 -14.34 -5.56 12.06
N LYS B 184 -14.46 -6.88 12.16
CA LYS B 184 -14.28 -7.54 13.43
C LYS B 184 -12.84 -7.46 13.90
N ILE B 185 -11.88 -7.61 12.99
CA ILE B 185 -10.47 -7.46 13.35
C ILE B 185 -10.18 -6.03 13.79
N THR B 186 -10.85 -5.05 13.18
CA THR B 186 -10.72 -3.67 13.63
C THR B 186 -11.23 -3.52 15.06
N ASP B 187 -12.39 -4.12 15.36
CA ASP B 187 -12.88 -4.10 16.73
C ASP B 187 -11.89 -4.77 17.68
N THR B 188 -11.24 -5.84 17.21
CA THR B 188 -10.27 -6.53 18.05
C THR B 188 -9.05 -5.65 18.33
N LEU B 189 -8.56 -4.95 17.30
CA LEU B 189 -7.45 -4.03 17.50
C LEU B 189 -7.82 -2.93 18.49
N ILE B 190 -9.02 -2.37 18.37
CA ILE B 190 -9.46 -1.34 19.30
C ILE B 190 -9.63 -1.92 20.70
N HIS B 191 -10.14 -3.15 20.79
CA HIS B 191 -10.33 -3.78 22.10
C HIS B 191 -8.98 -4.00 22.79
N LEU B 192 -7.95 -4.34 22.03
CA LEU B 192 -6.61 -4.51 22.60
C LEU B 192 -6.08 -3.19 23.14
N MET B 193 -6.19 -2.12 22.35
CA MET B 193 -5.67 -0.83 22.77
C MET B 193 -6.43 -0.28 23.96
N ALA B 194 -7.74 -0.53 24.04
CA ALA B 194 -8.50 -0.10 25.21
C ALA B 194 -8.07 -0.88 26.45
N LYS B 195 -7.72 -2.16 26.29
CA LYS B 195 -7.23 -2.94 27.42
C LYS B 195 -5.86 -2.43 27.89
N ALA B 196 -5.05 -1.91 26.98
CA ALA B 196 -3.73 -1.40 27.33
C ALA B 196 -3.77 -0.04 28.01
N GLY B 197 -4.96 0.51 28.25
CA GLY B 197 -5.08 1.79 28.93
C GLY B 197 -5.01 3.01 28.05
N LEU B 198 -5.16 2.84 26.73
CA LEU B 198 -5.10 3.97 25.82
C LEU B 198 -6.43 4.71 25.78
N THR B 199 -6.36 6.04 25.72
CA THR B 199 -7.55 6.84 25.55
C THR B 199 -8.11 6.66 24.13
N LEU B 200 -9.36 7.08 23.94
CA LEU B 200 -10.00 6.91 22.64
C LEU B 200 -9.21 7.61 21.54
N GLN B 201 -8.69 8.81 21.82
CA GLN B 201 -7.86 9.50 20.84
C GLN B 201 -6.60 8.69 20.55
N GLN B 202 -5.99 8.10 21.58
CA GLN B 202 -4.82 7.25 21.37
C GLN B 202 -5.17 5.99 20.60
N GLN B 203 -6.39 5.46 20.78
CA GLN B 203 -6.78 4.27 20.05
C GLN B 203 -6.94 4.55 18.57
N HIS B 204 -7.62 5.64 18.22
CA HIS B 204 -7.78 5.99 16.80
C HIS B 204 -6.44 6.24 16.14
N GLN B 205 -5.55 6.98 16.81
CA GLN B 205 -4.26 7.31 16.23
C GLN B 205 -3.41 6.06 16.01
N ARG B 206 -3.30 5.22 17.04
CA ARG B 206 -2.50 4.01 16.90
C ARG B 206 -3.08 3.09 15.83
N LEU B 207 -4.40 2.93 15.80
CA LEU B 207 -5.04 2.15 14.74
C LEU B 207 -4.68 2.72 13.37
N ALA B 208 -4.68 4.06 13.25
CA ALA B 208 -4.30 4.67 11.99
C ALA B 208 -2.83 4.44 11.67
N GLN B 209 -1.95 4.62 12.67
CA GLN B 209 -0.53 4.42 12.46
C GLN B 209 -0.24 3.00 11.99
N LEU B 210 -0.89 2.01 12.61
CA LEU B 210 -0.66 0.62 12.24
C LEU B 210 -1.12 0.34 10.82
N LEU B 211 -2.28 0.89 10.43
CA LEU B 211 -2.81 0.61 9.10
C LEU B 211 -2.01 1.31 8.01
N LEU B 212 -1.39 2.46 8.32
CA LEU B 212 -0.54 3.12 7.34
C LEU B 212 0.73 2.33 7.06
N ILE B 213 1.18 1.50 8.01
CA ILE B 213 2.30 0.61 7.77
C ILE B 213 2.02 -0.32 6.60
N LEU B 214 0.77 -0.81 6.52
CA LEU B 214 0.41 -1.76 5.48
C LEU B 214 0.59 -1.18 4.09
N SER B 215 0.44 0.14 3.94
CA SER B 215 0.74 0.78 2.65
C SER B 215 2.19 0.58 2.26
N HIS B 216 3.11 0.75 3.22
CA HIS B 216 4.53 0.54 2.92
C HIS B 216 4.84 -0.93 2.71
N ILE B 217 4.14 -1.82 3.42
CA ILE B 217 4.36 -3.25 3.23
C ILE B 217 3.93 -3.68 1.83
N ARG B 218 2.83 -3.11 1.33
CA ARG B 218 2.45 -3.34 -0.05
C ARG B 218 3.54 -2.87 -1.00
N HIS B 219 4.15 -1.71 -0.71
CA HIS B 219 5.20 -1.17 -1.57
C HIS B 219 6.43 -2.07 -1.57
N MET B 220 6.82 -2.59 -0.41
CA MET B 220 7.96 -3.50 -0.35
C MET B 220 7.67 -4.80 -1.09
N SER B 221 6.44 -5.30 -0.99
CA SER B 221 6.07 -6.51 -1.70
C SER B 221 6.13 -6.30 -3.21
N ASN B 222 5.62 -5.16 -3.70
CA ASN B 222 5.67 -4.88 -5.13
C ASN B 222 7.10 -4.82 -5.65
N LYS B 223 7.97 -4.11 -4.92
CA LYS B 223 9.37 -4.02 -5.32
C LYS B 223 10.05 -5.37 -5.24
N GLY B 224 9.86 -6.09 -4.13
CA GLY B 224 10.42 -7.42 -4.00
C GLY B 224 9.86 -8.40 -5.01
N MET B 225 8.60 -8.23 -5.39
CA MET B 225 8.01 -9.06 -6.43
C MET B 225 8.73 -8.87 -7.76
N GLU B 226 9.08 -7.62 -8.08
CA GLU B 226 9.79 -7.35 -9.32
C GLU B 226 11.26 -7.74 -9.24
N HIS B 227 11.83 -7.73 -8.03
CA HIS B 227 13.21 -8.21 -7.88
C HIS B 227 13.30 -9.71 -8.08
N LEU B 228 12.30 -10.45 -7.60
CA LEU B 228 12.29 -11.90 -7.79
C LEU B 228 12.10 -12.25 -9.26
N TYR B 229 11.14 -11.60 -9.93
CA TYR B 229 10.92 -11.84 -11.35
C TYR B 229 12.16 -11.51 -12.16
N SER B 230 12.97 -10.56 -11.69
CA SER B 230 14.22 -10.24 -12.35
C SER B 230 15.23 -11.38 -12.18
N MET B 231 15.42 -11.84 -10.95
CA MET B 231 16.34 -12.95 -10.71
C MET B 231 15.86 -14.25 -11.33
N LYS B 232 14.56 -14.38 -11.56
CA LYS B 232 14.04 -15.57 -12.24
C LYS B 232 14.44 -15.58 -13.71
N CYS B 233 14.40 -14.42 -14.37
CA CYS B 233 14.79 -14.35 -15.77
C CYS B 233 16.30 -14.45 -15.95
N LYS B 234 17.07 -13.85 -15.05
CA LYS B 234 18.53 -13.90 -15.15
C LYS B 234 19.08 -15.27 -14.78
N ASN B 235 18.23 -16.16 -14.24
CA ASN B 235 18.60 -17.55 -13.95
C ASN B 235 19.86 -17.64 -13.08
N VAL B 236 20.02 -16.69 -12.16
CA VAL B 236 21.11 -16.78 -11.19
C VAL B 236 20.96 -18.04 -10.35
N VAL B 237 19.74 -18.31 -9.90
CA VAL B 237 19.40 -19.54 -9.21
C VAL B 237 17.93 -19.85 -9.50
N PRO B 238 17.57 -21.09 -9.77
CA PRO B 238 16.15 -21.43 -9.92
C PRO B 238 15.45 -21.49 -8.58
N LEU B 239 14.13 -21.37 -8.64
CA LEU B 239 13.28 -21.39 -7.47
C LEU B 239 12.26 -22.53 -7.59
N SER B 240 11.62 -22.85 -6.48
CA SER B 240 10.67 -23.94 -6.44
C SER B 240 9.47 -23.65 -7.33
N ASP B 241 8.79 -24.72 -7.75
CA ASP B 241 7.64 -24.56 -8.63
C ASP B 241 6.51 -23.81 -7.94
N LEU B 242 6.32 -24.05 -6.63
CA LEU B 242 5.34 -23.28 -5.87
C LEU B 242 5.68 -21.80 -5.91
N LEU B 243 6.96 -21.46 -5.75
CA LEU B 243 7.37 -20.06 -5.78
C LEU B 243 7.19 -19.47 -7.17
N LEU B 244 7.36 -20.27 -8.23
CA LEU B 244 7.13 -19.78 -9.58
C LEU B 244 5.64 -19.59 -9.86
N GLU B 245 4.78 -20.43 -9.28
CA GLU B 245 3.34 -20.25 -9.45
C GLU B 245 2.88 -18.92 -8.86
N MET B 246 3.32 -18.62 -7.63
CA MET B 246 2.98 -17.33 -7.04
C MET B 246 3.59 -16.18 -7.82
N LEU B 247 4.80 -16.38 -8.35
CA LEU B 247 5.50 -15.29 -9.02
C LEU B 247 4.83 -14.91 -10.32
N ASP B 248 4.30 -15.89 -11.06
CA ASP B 248 3.59 -15.60 -12.29
C ASP B 248 2.14 -15.18 -12.07
N ALA B 249 1.65 -15.24 -10.83
CA ALA B 249 0.37 -14.62 -10.52
C ALA B 249 0.48 -13.10 -10.59
N HIS B 250 1.65 -12.56 -10.32
CA HIS B 250 1.90 -11.12 -10.43
C HIS B 250 2.44 -10.77 -11.82
N LYS C 3 16.55 19.64 -11.94
CA LYS C 3 15.90 19.91 -10.65
C LYS C 3 14.61 20.70 -10.85
N ILE C 4 13.77 20.24 -11.79
CA ILE C 4 12.55 20.95 -12.11
C ILE C 4 11.60 20.98 -10.92
N LEU C 5 11.45 19.85 -10.23
CA LEU C 5 10.57 19.79 -9.06
C LEU C 5 11.02 20.77 -7.98
N HIS C 6 12.34 20.97 -7.85
CA HIS C 6 12.83 21.98 -6.91
C HIS C 6 12.32 23.36 -7.26
N ARG C 7 12.35 23.71 -8.55
CA ARG C 7 12.02 25.07 -8.96
C ARG C 7 10.56 25.39 -8.68
N LEU C 8 9.65 24.46 -8.97
CA LEU C 8 8.23 24.73 -8.76
C LEU C 8 7.89 24.84 -7.28
N LEU C 9 8.63 24.17 -6.41
CA LEU C 9 8.40 24.28 -4.98
C LEU C 9 8.89 25.60 -4.41
N GLN C 10 9.84 26.26 -5.07
CA GLN C 10 10.32 27.56 -4.60
C GLN C 10 9.33 28.66 -4.95
N ASP C 11 8.85 28.67 -6.19
CA ASP C 11 7.94 29.72 -6.66
C ASP C 11 6.55 29.57 -6.08
N LYS D 3 -3.30 -25.77 -9.91
CA LYS D 3 -2.20 -25.08 -9.25
C LYS D 3 -1.74 -25.81 -7.99
N ILE D 4 -0.46 -25.65 -7.65
CA ILE D 4 0.04 -26.18 -6.39
C ILE D 4 -0.69 -25.54 -5.21
N LEU D 5 -0.93 -24.23 -5.31
CA LEU D 5 -1.62 -23.52 -4.23
C LEU D 5 -3.02 -24.09 -4.01
N HIS D 6 -3.72 -24.41 -5.09
CA HIS D 6 -5.03 -25.05 -4.96
C HIS D 6 -4.90 -26.43 -4.34
N ARG D 7 -3.83 -27.15 -4.65
CA ARG D 7 -3.63 -28.47 -4.08
C ARG D 7 -3.35 -28.39 -2.58
N LEU D 8 -2.44 -27.50 -2.18
CA LEU D 8 -2.12 -27.37 -0.77
C LEU D 8 -3.29 -26.80 0.02
N LEU D 9 -4.12 -25.96 -0.61
CA LEU D 9 -5.30 -25.45 0.07
C LEU D 9 -6.37 -26.53 0.23
N GLN D 10 -6.51 -27.41 -0.76
CA GLN D 10 -7.44 -28.52 -0.63
C GLN D 10 -7.07 -29.41 0.55
N ASP D 11 -5.85 -29.96 0.53
CA ASP D 11 -5.29 -30.67 1.67
C ASP D 11 -3.79 -30.89 1.48
O01 7G2 E . -5.23 12.43 -13.36
C02 7G2 E . -4.48 11.39 -13.95
C03 7G2 E . -3.76 11.68 -15.09
C04 7G2 E . -3.02 10.69 -15.71
C05 7G2 E . -2.98 9.41 -15.17
C06 7G2 E . -2.17 8.33 -15.82
C07 7G2 E . -2.45 7.00 -15.50
C08 7G2 E . -1.72 5.98 -16.10
C09 7G2 E . -1.99 4.53 -15.78
N10 7G2 E . -1.03 3.66 -16.01
O11 7G2 E . -1.17 2.32 -15.76
C12 7G2 E . -0.71 6.29 -16.99
O13 7G2 E . 0.03 5.25 -17.59
C14 7G2 E . -0.44 7.60 -17.31
C15 7G2 E . -1.16 8.62 -16.72
C16 7G2 E . -3.71 9.13 -14.02
C17 7G2 E . -4.46 10.12 -13.41
F18 7G2 E . -5.15 9.82 -12.29
O01 7G2 F . -5.06 12.64 -13.46
C02 7G2 F . -4.42 11.50 -13.99
C03 7G2 F . -3.62 11.63 -15.12
C04 7G2 F . -2.98 10.51 -15.67
C05 7G2 F . -3.16 9.29 -15.06
C06 7G2 F . -2.56 7.96 -15.49
C07 7G2 F . -1.58 7.78 -16.46
C08 7G2 F . -1.15 6.47 -16.75
C09 7G2 F . -0.08 6.12 -17.76
N10 7G2 F . 0.32 4.87 -17.75
O11 7G2 F . 1.31 4.42 -18.59
C12 7G2 F . -1.69 5.40 -16.05
O13 7G2 F . -1.23 4.11 -16.35
C14 7G2 F . -2.65 5.61 -15.09
C15 7G2 F . -3.09 6.88 -14.82
C16 7G2 F . -3.96 9.18 -13.95
C17 7G2 F . -4.58 10.26 -13.41
F18 7G2 F . -5.34 10.08 -12.33
O01 7G2 G . 10.53 -14.52 5.30
C02 7G2 G . 11.06 -14.04 4.08
C03 7G2 G . 11.70 -14.92 3.24
C04 7G2 G . 12.23 -14.47 2.04
C05 7G2 G . 12.12 -13.15 1.67
C06 7G2 G . 12.72 -12.70 0.36
C07 7G2 G . 12.68 -11.37 0.00
C08 7G2 G . 13.23 -10.95 -1.20
C09 7G2 G . 13.19 -9.48 -1.59
C12 7G2 G . 13.81 -11.87 -2.05
O13 7G2 G . 14.36 -11.45 -3.28
C14 7G2 G . 13.84 -13.20 -1.70
C15 7G2 G . 13.30 -13.62 -0.50
C16 7G2 G . 11.48 -12.26 2.53
C17 7G2 G . 10.95 -12.70 3.73
F18 7G2 G . 10.34 -11.84 4.55
#